data_2POF
#
_entry.id   2POF
#
_cell.length_a   37.246
_cell.length_b   65.418
_cell.length_c   80.926
_cell.angle_alpha   90.00
_cell.angle_beta   90.21
_cell.angle_gamma   90.00
#
_symmetry.space_group_name_H-M   'P 1 21 1'
#
loop_
_entity.id
_entity.type
_entity.pdbx_description
1 polymer 'CDP-diacylglycerol pyrophosphatase'
2 water water
#
_entity_poly.entity_id   1
_entity_poly.type   'polypeptide(L)'
_entity_poly.pdbx_seq_one_letter_code
;SLTGEESDTLRKIVLEECLPNQQQNQNPSPCAEVKPNAGYVVLKDLNGPLQYLL(MSE)PTYRINGTESPLLTDPSTPNF
FWLAWQARDF(MSE)SKKYGQPVPDRAVSLAINSRTGRTQNHFHIHISCIRPDVREQLDNNLANISSRWLPLPGGLRGHE
YLARRVTESELVQRSPF(MSE)(MSE)LAEEVPEAREH(MSE)GSYGLA(MSE)VRQSDNSFVLLATQRNLLTLNRASAE
EIQDHQCEILR
;
_entity_poly.pdbx_strand_id   A,B
#
# COMPACT_ATOMS: atom_id res chain seq x y z
N SER A 7 -7.25 -28.62 1.33
CA SER A 7 -6.00 -28.20 2.02
C SER A 7 -4.97 -27.54 1.10
N ASP A 8 -5.14 -27.67 -0.20
CA ASP A 8 -4.17 -27.15 -1.16
C ASP A 8 -4.57 -25.93 -1.99
N THR A 9 -5.69 -25.27 -1.69
CA THR A 9 -6.13 -24.14 -2.50
C THR A 9 -5.11 -23.02 -2.57
N LEU A 10 -4.50 -22.63 -1.44
CA LEU A 10 -3.52 -21.53 -1.48
C LEU A 10 -2.27 -21.90 -2.26
N ARG A 11 -1.78 -23.13 -2.09
CA ARG A 11 -0.60 -23.60 -2.78
C ARG A 11 -0.89 -23.61 -4.28
N LYS A 12 -2.10 -23.99 -4.66
CA LYS A 12 -2.46 -24.03 -6.08
C LYS A 12 -2.60 -22.63 -6.66
N ILE A 13 -3.15 -21.71 -5.88
CA ILE A 13 -3.29 -20.33 -6.35
C ILE A 13 -1.90 -19.78 -6.62
N VAL A 14 -1.03 -19.84 -5.61
CA VAL A 14 0.32 -19.33 -5.79
C VAL A 14 1.06 -19.96 -6.97
N LEU A 15 1.22 -21.28 -6.93
CA LEU A 15 1.96 -22.01 -7.95
C LEU A 15 1.29 -22.26 -9.30
N GLU A 16 -0.03 -22.14 -9.37
CA GLU A 16 -0.70 -22.40 -10.62
C GLU A 16 -1.47 -21.24 -11.22
N GLU A 17 -1.51 -20.13 -10.49
CA GLU A 17 -2.19 -18.93 -10.99
C GLU A 17 -1.31 -17.70 -10.95
N CYS A 18 -0.87 -17.31 -9.75
CA CYS A 18 -0.02 -16.14 -9.57
C CYS A 18 1.33 -16.22 -10.28
N LEU A 19 2.16 -17.17 -9.85
CA LEU A 19 3.50 -17.30 -10.42
C LEU A 19 3.52 -17.42 -11.95
N PRO A 20 2.72 -18.33 -12.53
CA PRO A 20 2.71 -18.49 -13.98
C PRO A 20 2.23 -17.21 -14.69
N ASN A 21 1.28 -16.52 -14.08
CA ASN A 21 0.72 -15.29 -14.65
C ASN A 21 1.77 -14.18 -14.59
N GLN A 22 2.55 -14.16 -13.50
CA GLN A 22 3.59 -13.15 -13.32
C GLN A 22 4.66 -13.40 -14.36
N GLN A 23 5.09 -14.66 -14.45
CA GLN A 23 6.11 -15.06 -15.40
C GLN A 23 5.70 -14.97 -16.87
N GLN A 24 4.42 -15.19 -17.14
CA GLN A 24 3.91 -15.14 -18.51
C GLN A 24 3.50 -13.74 -18.99
N ASN A 25 2.80 -12.99 -18.15
CA ASN A 25 2.33 -11.67 -18.56
C ASN A 25 2.74 -10.54 -17.63
N GLN A 26 3.54 -10.85 -16.60
CA GLN A 26 3.97 -9.86 -15.61
C GLN A 26 2.72 -9.33 -14.91
N ASN A 27 1.73 -10.21 -14.80
CA ASN A 27 0.48 -9.89 -14.14
C ASN A 27 0.37 -10.84 -12.95
N PRO A 28 0.51 -10.31 -11.73
CA PRO A 28 0.44 -11.13 -10.52
C PRO A 28 -0.93 -11.67 -10.12
N SER A 29 -2.00 -11.19 -10.74
CA SER A 29 -3.34 -11.64 -10.40
C SER A 29 -3.42 -13.15 -10.33
N PRO A 30 -4.16 -13.69 -9.34
CA PRO A 30 -4.91 -12.91 -8.34
C PRO A 30 -4.09 -12.25 -7.23
N CYS A 31 -2.79 -12.53 -7.19
CA CYS A 31 -1.92 -11.94 -6.17
C CYS A 31 -1.71 -10.46 -6.41
N ALA A 32 -1.26 -9.77 -5.36
CA ALA A 32 -1.01 -8.34 -5.43
C ALA A 32 0.41 -8.06 -5.90
N GLU A 33 1.30 -8.98 -5.57
CA GLU A 33 2.70 -8.87 -5.95
C GLU A 33 3.34 -10.26 -5.96
N VAL A 34 4.12 -10.53 -6.99
CA VAL A 34 4.79 -11.82 -7.16
C VAL A 34 6.27 -11.57 -7.46
N LYS A 35 7.14 -11.98 -6.55
CA LYS A 35 8.57 -11.79 -6.70
C LYS A 35 9.33 -13.10 -6.71
N PRO A 36 9.39 -13.80 -7.87
CA PRO A 36 10.10 -15.08 -7.93
C PRO A 36 11.57 -15.07 -7.50
N ASN A 37 12.28 -13.98 -7.80
CA ASN A 37 13.69 -13.86 -7.43
C ASN A 37 13.94 -13.66 -5.93
N ALA A 38 12.89 -13.25 -5.20
CA ALA A 38 12.99 -13.03 -3.76
C ALA A 38 12.37 -14.20 -3.02
N GLY A 39 11.48 -14.91 -3.72
CA GLY A 39 10.83 -16.09 -3.15
C GLY A 39 9.50 -15.89 -2.45
N TYR A 40 8.73 -14.86 -2.81
CA TYR A 40 7.45 -14.63 -2.14
C TYR A 40 6.38 -13.96 -3.00
N VAL A 41 5.15 -14.06 -2.53
CA VAL A 41 4.02 -13.41 -3.19
C VAL A 41 3.18 -12.79 -2.08
N VAL A 42 2.30 -11.87 -2.45
CA VAL A 42 1.41 -11.23 -1.49
C VAL A 42 -0.01 -11.36 -2.05
N LEU A 43 -0.91 -11.93 -1.28
CA LEU A 43 -2.28 -12.13 -1.73
C LEU A 43 -3.29 -11.51 -0.79
N LYS A 44 -4.33 -10.88 -1.34
CA LYS A 44 -5.36 -10.30 -0.51
C LYS A 44 -6.16 -11.47 0.07
N ASP A 45 -6.42 -11.41 1.37
CA ASP A 45 -7.18 -12.46 2.03
C ASP A 45 -8.66 -12.18 1.84
N LEU A 46 -9.47 -13.25 1.80
CA LEU A 46 -10.90 -13.09 1.62
C LEU A 46 -11.56 -12.61 2.91
N ASN A 47 -10.84 -12.73 4.02
CA ASN A 47 -11.38 -12.35 5.32
C ASN A 47 -10.79 -11.05 5.85
N GLY A 48 -11.63 -10.03 5.98
CA GLY A 48 -11.17 -8.76 6.48
C GLY A 48 -10.88 -7.76 5.38
N PRO A 49 -11.19 -6.47 5.62
CA PRO A 49 -10.95 -5.44 4.60
C PRO A 49 -9.48 -5.14 4.27
N LEU A 50 -8.56 -5.35 5.20
CA LEU A 50 -7.18 -5.01 4.92
C LEU A 50 -6.21 -6.17 5.00
N GLN A 51 -6.70 -7.39 5.30
CA GLN A 51 -5.78 -8.51 5.43
C GLN A 51 -5.14 -9.06 4.18
N TYR A 52 -3.82 -9.24 4.26
CA TYR A 52 -3.06 -9.84 3.18
C TYR A 52 -2.28 -11.01 3.73
N LEU A 53 -1.87 -11.89 2.83
CA LEU A 53 -1.09 -13.05 3.18
C LEU A 53 0.23 -12.98 2.44
N LEU A 54 1.31 -13.39 3.10
CA LEU A 54 2.60 -13.46 2.44
C LEU A 54 2.98 -14.92 2.44
N MSE A 55 3.26 -15.45 1.25
CA MSE A 55 3.60 -16.86 1.10
C MSE A 55 4.79 -17.03 0.18
O MSE A 55 5.07 -16.16 -0.63
CB MSE A 55 2.42 -17.61 0.50
CG MSE A 55 1.09 -17.28 1.18
SE MSE A 55 -0.40 -18.15 0.39
CE MSE A 55 -1.06 -16.77 -0.72
N PRO A 56 5.50 -18.16 0.30
CA PRO A 56 6.66 -18.39 -0.56
C PRO A 56 6.23 -18.78 -1.98
N THR A 57 7.14 -18.61 -2.92
CA THR A 57 6.86 -18.96 -4.30
C THR A 57 7.22 -20.41 -4.59
N TYR A 58 7.56 -21.14 -3.54
CA TYR A 58 7.91 -22.55 -3.66
C TYR A 58 7.34 -23.30 -2.44
N ARG A 59 7.41 -24.63 -2.46
CA ARG A 59 6.84 -25.41 -1.38
C ARG A 59 7.46 -25.41 0.02
N ILE A 60 6.71 -24.85 0.96
CA ILE A 60 7.03 -24.79 2.37
C ILE A 60 5.64 -24.92 2.98
N ASN A 61 5.40 -25.96 3.77
CA ASN A 61 4.06 -26.17 4.30
C ASN A 61 3.62 -25.40 5.52
N GLY A 62 4.55 -24.95 6.32
CA GLY A 62 4.17 -24.19 7.51
C GLY A 62 5.27 -24.17 8.53
N THR A 63 4.92 -23.82 9.77
CA THR A 63 5.91 -23.74 10.84
C THR A 63 6.71 -25.01 11.09
N GLU A 64 6.20 -26.16 10.66
CA GLU A 64 6.89 -27.43 10.86
C GLU A 64 8.03 -27.67 9.86
N SER A 65 7.95 -27.01 8.70
CA SER A 65 8.96 -27.17 7.67
C SER A 65 10.40 -26.96 8.11
N PRO A 66 11.27 -27.95 7.85
CA PRO A 66 12.67 -27.83 8.24
C PRO A 66 13.41 -26.69 7.53
N LEU A 67 12.90 -26.26 6.38
CA LEU A 67 13.53 -25.18 5.64
C LEU A 67 13.61 -23.89 6.47
N LEU A 68 12.63 -23.69 7.34
CA LEU A 68 12.59 -22.49 8.16
C LEU A 68 13.76 -22.36 9.13
N THR A 69 14.47 -23.45 9.38
CA THR A 69 15.61 -23.38 10.29
C THR A 69 16.93 -23.42 9.54
N ASP A 70 16.87 -23.07 8.26
CA ASP A 70 18.06 -22.96 7.43
C ASP A 70 18.34 -21.49 7.19
N PRO A 71 19.58 -21.02 7.47
CA PRO A 71 19.93 -19.62 7.26
C PRO A 71 19.74 -19.00 5.90
N SER A 72 19.75 -19.82 4.85
CA SER A 72 19.58 -19.35 3.48
C SER A 72 18.13 -19.07 3.10
N THR A 73 17.19 -19.53 3.93
CA THR A 73 15.77 -19.33 3.66
C THR A 73 15.37 -17.86 3.86
N PRO A 74 14.63 -17.29 2.90
CA PRO A 74 14.23 -15.89 3.06
C PRO A 74 13.57 -15.64 4.40
N ASN A 75 13.76 -14.43 4.92
CA ASN A 75 13.17 -14.05 6.19
C ASN A 75 11.74 -13.60 5.89
N PHE A 76 10.84 -14.57 5.79
CA PHE A 76 9.46 -14.25 5.46
C PHE A 76 8.79 -13.26 6.41
N PHE A 77 9.13 -13.30 7.70
CA PHE A 77 8.50 -12.35 8.61
C PHE A 77 8.90 -10.91 8.29
N TRP A 78 10.15 -10.70 7.93
CA TRP A 78 10.57 -9.35 7.59
C TRP A 78 9.94 -8.93 6.26
N LEU A 79 9.77 -9.89 5.36
CA LEU A 79 9.15 -9.60 4.07
C LEU A 79 7.67 -9.24 4.27
N ALA A 80 7.01 -9.92 5.20
CA ALA A 80 5.62 -9.65 5.49
C ALA A 80 5.54 -8.24 6.08
N TRP A 81 6.49 -7.91 6.95
CA TRP A 81 6.50 -6.58 7.56
C TRP A 81 6.54 -5.53 6.46
N GLN A 82 7.45 -5.70 5.51
CA GLN A 82 7.53 -4.74 4.41
C GLN A 82 6.23 -4.70 3.63
N ALA A 83 5.58 -5.85 3.51
CA ALA A 83 4.32 -5.91 2.77
C ALA A 83 3.14 -5.24 3.49
N ARG A 84 3.38 -4.71 4.68
CA ARG A 84 2.31 -4.04 5.42
C ARG A 84 1.74 -2.87 4.63
N ASP A 85 2.50 -2.39 3.65
CA ASP A 85 2.06 -1.29 2.81
C ASP A 85 0.83 -1.63 2.00
N PHE A 86 0.59 -2.91 1.77
CA PHE A 86 -0.59 -3.29 1.02
C PHE A 86 -1.83 -2.99 1.86
N MSE A 87 -1.67 -2.99 3.19
CA MSE A 87 -2.79 -2.64 4.06
C MSE A 87 -3.11 -1.15 3.89
O MSE A 87 -4.27 -0.76 3.80
CB MSE A 87 -2.45 -2.90 5.54
CG MSE A 87 -2.22 -4.36 5.92
SE MSE A 87 -1.86 -4.57 7.85
CE MSE A 87 -3.47 -3.74 8.52
N SER A 88 -2.06 -0.33 3.83
CA SER A 88 -2.25 1.10 3.66
C SER A 88 -2.92 1.41 2.32
N LYS A 89 -2.53 0.69 1.27
CA LYS A 89 -3.12 0.92 -0.03
C LYS A 89 -4.63 0.66 0.01
N LYS A 90 -5.03 -0.42 0.69
CA LYS A 90 -6.46 -0.74 0.79
C LYS A 90 -7.16 0.20 1.76
N TYR A 91 -6.42 0.70 2.75
CA TYR A 91 -6.99 1.63 3.73
C TYR A 91 -7.15 3.01 3.09
N GLY A 92 -6.34 3.28 2.07
CA GLY A 92 -6.43 4.55 1.37
C GLY A 92 -5.58 5.66 1.97
N GLN A 93 -4.82 5.32 3.01
CA GLN A 93 -3.93 6.27 3.68
C GLN A 93 -2.91 5.45 4.47
N PRO A 94 -1.85 6.10 4.97
CA PRO A 94 -0.86 5.34 5.74
C PRO A 94 -1.39 4.70 7.02
N VAL A 95 -1.15 3.40 7.17
CA VAL A 95 -1.58 2.69 8.37
C VAL A 95 -0.43 2.77 9.37
N PRO A 96 -0.71 3.27 10.58
CA PRO A 96 0.37 3.38 11.58
C PRO A 96 0.96 2.01 11.92
N ASP A 97 2.29 1.96 12.04
CA ASP A 97 3.00 0.73 12.36
C ASP A 97 2.43 0.02 13.59
N ARG A 98 2.00 0.78 14.59
CA ARG A 98 1.48 0.18 15.82
C ARG A 98 0.20 -0.61 15.58
N ALA A 99 -0.46 -0.39 14.44
CA ALA A 99 -1.70 -1.10 14.16
C ALA A 99 -1.50 -2.46 13.50
N VAL A 100 -0.31 -2.70 12.95
CA VAL A 100 -0.04 -3.92 12.22
C VAL A 100 0.51 -5.06 13.09
N SER A 101 0.18 -6.26 12.69
CA SER A 101 0.65 -7.48 13.37
C SER A 101 0.80 -8.54 12.30
N LEU A 102 1.79 -9.41 12.49
CA LEU A 102 2.08 -10.50 11.56
C LEU A 102 1.95 -11.78 12.38
N ALA A 103 1.30 -12.78 11.81
CA ALA A 103 1.11 -14.02 12.55
C ALA A 103 1.02 -15.25 11.67
N ILE A 104 1.56 -16.35 12.18
CA ILE A 104 1.49 -17.61 11.45
C ILE A 104 0.98 -18.68 12.44
N ASN A 105 0.06 -19.50 11.97
CA ASN A 105 -0.54 -20.55 12.78
C ASN A 105 0.09 -21.90 12.52
N SER A 106 0.06 -22.77 13.51
CA SER A 106 0.59 -24.12 13.37
C SER A 106 -0.45 -24.92 12.59
N ARG A 107 -0.15 -26.19 12.37
CA ARG A 107 -1.05 -27.07 11.62
C ARG A 107 -2.43 -27.27 12.24
N THR A 108 -2.49 -27.34 13.57
CA THR A 108 -3.79 -27.54 14.24
C THR A 108 -4.55 -26.23 14.31
N GLY A 109 -3.87 -25.14 13.95
CA GLY A 109 -4.50 -23.84 13.98
C GLY A 109 -4.68 -23.26 12.60
N ARG A 110 -4.56 -24.12 11.57
CA ARG A 110 -4.69 -23.72 10.18
C ARG A 110 -5.43 -24.79 9.38
N THR A 111 -5.81 -24.44 8.15
CA THR A 111 -6.49 -25.37 7.26
C THR A 111 -5.71 -25.54 5.95
N GLN A 112 -4.86 -24.56 5.64
CA GLN A 112 -4.06 -24.56 4.41
C GLN A 112 -2.63 -25.03 4.65
N ASN A 113 -2.15 -25.92 3.79
CA ASN A 113 -0.81 -26.45 3.97
C ASN A 113 0.32 -25.83 3.14
N HIS A 114 0.23 -24.53 2.96
CA HIS A 114 1.24 -23.78 2.25
C HIS A 114 1.52 -22.54 3.12
N PHE A 115 2.75 -22.46 3.58
CA PHE A 115 3.22 -21.38 4.44
C PHE A 115 2.55 -20.03 4.19
N HIS A 116 1.93 -19.48 5.21
CA HIS A 116 1.34 -18.17 5.02
C HIS A 116 1.27 -17.35 6.30
N ILE A 117 1.73 -16.11 6.17
CA ILE A 117 1.72 -15.17 7.27
C ILE A 117 0.57 -14.21 7.06
N HIS A 118 -0.21 -14.01 8.12
CA HIS A 118 -1.35 -13.11 8.09
C HIS A 118 -0.86 -11.72 8.46
N ILE A 119 -0.98 -10.79 7.52
CA ILE A 119 -0.65 -9.39 7.82
C ILE A 119 -1.94 -8.62 8.00
N SER A 120 -2.23 -8.24 9.25
CA SER A 120 -3.47 -7.58 9.50
C SER A 120 -3.40 -6.70 10.73
N CYS A 121 -4.56 -6.23 11.20
CA CYS A 121 -4.60 -5.38 12.37
C CYS A 121 -4.52 -6.15 13.68
N ILE A 122 -3.85 -5.54 14.64
CA ILE A 122 -3.70 -6.12 15.97
C ILE A 122 -4.96 -5.78 16.76
N ARG A 123 -5.34 -6.65 17.68
CA ARG A 123 -6.50 -6.39 18.53
C ARG A 123 -6.12 -5.26 19.49
N PRO A 124 -7.07 -4.39 19.83
CA PRO A 124 -6.77 -3.29 20.74
C PRO A 124 -6.31 -3.76 22.12
N ASP A 125 -6.93 -4.81 22.64
CA ASP A 125 -6.56 -5.28 23.97
C ASP A 125 -5.14 -5.84 23.94
N VAL A 126 -4.79 -6.53 22.87
CA VAL A 126 -3.45 -7.09 22.75
C VAL A 126 -2.44 -5.94 22.62
N ARG A 127 -2.80 -4.90 21.87
CA ARG A 127 -1.92 -3.75 21.68
C ARG A 127 -1.56 -3.13 23.04
N GLU A 128 -2.57 -2.95 23.88
CA GLU A 128 -2.38 -2.35 25.20
C GLU A 128 -1.63 -3.28 26.14
N GLN A 129 -1.97 -4.57 26.09
CA GLN A 129 -1.30 -5.55 26.92
C GLN A 129 0.19 -5.58 26.61
N LEU A 130 0.53 -5.50 25.33
CA LEU A 130 1.95 -5.49 24.96
C LEU A 130 2.63 -4.19 25.39
N ASP A 131 1.98 -3.05 25.14
CA ASP A 131 2.54 -1.75 25.51
C ASP A 131 2.84 -1.68 27.01
N ASN A 132 1.93 -2.22 27.82
CA ASN A 132 2.11 -2.19 29.28
C ASN A 132 3.24 -3.06 29.78
N ASN A 133 3.72 -3.97 28.95
CA ASN A 133 4.80 -4.84 29.41
C ASN A 133 6.11 -4.61 28.66
N LEU A 134 6.28 -3.40 28.14
CA LEU A 134 7.49 -3.05 27.41
C LEU A 134 8.74 -3.35 28.24
N ALA A 135 8.73 -2.92 29.50
CA ALA A 135 9.86 -3.11 30.40
C ALA A 135 10.11 -4.54 30.83
N ASN A 136 9.14 -5.41 30.62
CA ASN A 136 9.29 -6.81 31.00
C ASN A 136 9.75 -7.69 29.84
N ILE A 137 9.70 -7.16 28.62
CA ILE A 137 10.10 -7.90 27.43
C ILE A 137 11.58 -7.68 27.09
N SER A 138 12.41 -8.71 27.32
CA SER A 138 13.85 -8.64 27.07
C SER A 138 14.30 -9.50 25.88
N SER A 139 15.61 -9.59 25.69
CA SER A 139 16.17 -10.36 24.57
C SER A 139 16.10 -11.87 24.81
N ARG A 140 15.69 -12.27 26.01
CA ARG A 140 15.57 -13.70 26.32
C ARG A 140 14.09 -14.07 26.25
N TRP A 141 13.76 -15.19 25.58
CA TRP A 141 12.36 -15.57 25.51
C TRP A 141 11.88 -15.85 26.93
N LEU A 142 10.75 -15.26 27.28
CA LEU A 142 10.17 -15.44 28.60
C LEU A 142 8.67 -15.26 28.46
N PRO A 143 7.89 -16.04 29.22
CA PRO A 143 6.43 -15.94 29.14
C PRO A 143 5.99 -14.49 29.33
N LEU A 144 5.11 -14.03 28.44
CA LEU A 144 4.59 -12.68 28.55
C LEU A 144 3.70 -12.68 29.79
N PRO A 145 3.91 -11.74 30.72
CA PRO A 145 3.06 -11.72 31.92
C PRO A 145 1.58 -11.53 31.56
N GLY A 146 0.76 -12.52 31.91
CA GLY A 146 -0.67 -12.44 31.63
C GLY A 146 -1.08 -13.24 30.41
N GLY A 147 -0.10 -13.55 29.55
CA GLY A 147 -0.38 -14.30 28.34
C GLY A 147 -1.25 -13.47 27.42
N LEU A 148 -1.75 -14.06 26.35
CA LEU A 148 -2.63 -13.35 25.41
C LEU A 148 -3.76 -14.31 25.07
N ARG A 149 -4.99 -13.80 25.07
CA ARG A 149 -6.17 -14.60 24.76
C ARG A 149 -6.31 -15.85 25.64
N GLY A 150 -5.79 -15.78 26.86
CA GLY A 150 -5.86 -16.91 27.77
C GLY A 150 -4.82 -17.97 27.50
N HIS A 151 -3.84 -17.63 26.66
CA HIS A 151 -2.79 -18.58 26.32
C HIS A 151 -1.40 -18.08 26.70
N GLU A 152 -0.50 -19.02 26.95
CA GLU A 152 0.87 -18.64 27.30
C GLU A 152 1.55 -18.28 26.00
N TYR A 153 2.27 -17.16 26.03
CA TYR A 153 3.03 -16.70 24.87
C TYR A 153 4.45 -16.32 25.32
N LEU A 154 5.45 -16.97 24.75
CA LEU A 154 6.83 -16.60 25.07
C LEU A 154 7.06 -15.32 24.26
N ALA A 155 7.75 -14.35 24.84
CA ALA A 155 8.02 -13.09 24.14
C ALA A 155 9.50 -12.75 24.16
N ARG A 156 9.94 -12.02 23.13
CA ARG A 156 11.33 -11.63 22.98
C ARG A 156 11.41 -10.25 22.31
N ARG A 157 12.28 -9.39 22.82
CA ARG A 157 12.47 -8.07 22.24
C ARG A 157 13.53 -8.21 21.17
N VAL A 158 13.31 -7.61 20.00
CA VAL A 158 14.28 -7.66 18.90
C VAL A 158 14.35 -6.34 18.16
N THR A 159 15.55 -5.98 17.71
CA THR A 159 15.74 -4.73 16.96
C THR A 159 15.64 -5.04 15.48
N GLU A 160 15.36 -4.02 14.66
CA GLU A 160 15.27 -4.25 13.22
C GLU A 160 16.58 -4.85 12.73
N SER A 161 17.70 -4.36 13.28
CA SER A 161 19.01 -4.84 12.87
C SER A 161 19.14 -6.35 13.06
N GLU A 162 18.64 -6.86 14.19
CA GLU A 162 18.69 -8.29 14.47
C GLU A 162 17.81 -9.05 13.48
N LEU A 163 16.62 -8.52 13.19
CA LEU A 163 15.71 -9.18 12.24
C LEU A 163 16.29 -9.37 10.85
N VAL A 164 17.13 -8.44 10.40
CA VAL A 164 17.70 -8.58 9.07
C VAL A 164 18.78 -9.66 9.08
N GLN A 165 19.28 -9.96 10.27
CA GLN A 165 20.31 -10.98 10.42
C GLN A 165 19.69 -12.36 10.47
N ARG A 166 18.64 -12.50 11.28
CA ARG A 166 17.98 -13.78 11.44
C ARG A 166 16.47 -13.66 11.46
N SER A 167 15.80 -14.77 11.18
CA SER A 167 14.35 -14.80 11.17
C SER A 167 13.88 -15.20 12.57
N PRO A 168 12.60 -14.96 12.87
CA PRO A 168 12.07 -15.31 14.18
C PRO A 168 12.15 -16.83 14.42
N PHE A 169 12.07 -17.60 13.33
CA PHE A 169 12.13 -19.05 13.42
C PHE A 169 13.53 -19.49 13.84
N MSE A 170 14.55 -18.82 13.30
CA MSE A 170 15.92 -19.14 13.65
C MSE A 170 16.16 -18.85 15.13
O MSE A 170 16.80 -19.65 15.82
CB MSE A 170 16.92 -18.32 12.81
CG MSE A 170 16.96 -18.66 11.31
SE MSE A 170 17.60 -20.42 10.81
CE MSE A 170 18.87 -20.68 12.26
N MSE A 171 15.64 -17.74 15.61
CA MSE A 171 15.81 -17.36 17.00
C MSE A 171 15.06 -18.29 17.93
O MSE A 171 15.53 -18.59 19.03
CB MSE A 171 15.37 -15.91 17.24
CG MSE A 171 16.24 -14.91 16.53
SE MSE A 171 15.62 -13.06 16.70
CE MSE A 171 15.97 -12.48 14.95
N LEU A 172 13.88 -18.75 17.50
CA LEU A 172 13.11 -19.67 18.32
C LEU A 172 13.85 -20.99 18.44
N ALA A 173 14.33 -21.51 17.32
CA ALA A 173 15.04 -22.77 17.29
C ALA A 173 16.37 -22.75 18.04
N GLU A 174 17.12 -21.67 17.87
CA GLU A 174 18.43 -21.52 18.50
C GLU A 174 18.39 -21.15 19.98
N GLU A 175 17.30 -20.54 20.41
CA GLU A 175 17.18 -20.06 21.78
C GLU A 175 16.27 -20.75 22.78
N VAL A 176 15.12 -21.26 22.33
CA VAL A 176 14.21 -21.91 23.27
C VAL A 176 14.35 -23.43 23.34
N PRO A 177 14.52 -23.95 24.56
CA PRO A 177 14.66 -25.38 24.82
C PRO A 177 13.62 -26.23 24.08
N GLU A 178 14.07 -27.27 23.41
CA GLU A 178 13.19 -28.19 22.69
C GLU A 178 12.21 -27.57 21.69
N ALA A 179 12.47 -26.37 21.22
CA ALA A 179 11.56 -25.78 20.24
C ALA A 179 12.05 -26.26 18.90
N ARG A 180 13.36 -26.51 18.83
CA ARG A 180 14.00 -26.96 17.62
C ARG A 180 13.42 -28.29 17.12
N GLU A 181 13.07 -29.17 18.05
CA GLU A 181 12.56 -30.48 17.69
C GLU A 181 11.03 -30.51 17.67
N HIS A 182 10.39 -29.35 17.83
CA HIS A 182 8.93 -29.27 17.82
C HIS A 182 8.46 -27.95 17.17
N MSE A 183 9.14 -27.50 16.12
CA MSE A 183 8.74 -26.24 15.48
C MSE A 183 7.27 -26.24 15.05
O MSE A 183 6.58 -25.22 15.16
CB MSE A 183 9.65 -25.96 14.29
CG MSE A 183 11.10 -25.65 14.65
SE MSE A 183 11.30 -24.13 15.86
CE MSE A 183 11.08 -22.73 14.55
N GLY A 184 6.79 -27.37 14.56
CA GLY A 184 5.42 -27.46 14.11
C GLY A 184 4.37 -27.24 15.18
N SER A 185 4.76 -27.39 16.45
CA SER A 185 3.80 -27.21 17.55
C SER A 185 3.67 -25.75 17.93
N TYR A 186 4.42 -24.87 17.26
CA TYR A 186 4.36 -23.44 17.56
C TYR A 186 3.67 -22.56 16.54
N GLY A 187 3.13 -21.46 17.06
CA GLY A 187 2.51 -20.43 16.25
C GLY A 187 3.37 -19.22 16.66
N LEU A 188 3.67 -18.32 15.73
CA LEU A 188 4.49 -17.14 16.03
C LEU A 188 3.86 -15.87 15.50
N ALA A 189 4.19 -14.74 16.12
CA ALA A 189 3.68 -13.45 15.68
C ALA A 189 4.75 -12.38 15.88
N MSE A 190 4.54 -11.23 15.24
CA MSE A 190 5.46 -10.11 15.35
C MSE A 190 4.67 -8.81 15.46
O MSE A 190 3.74 -8.57 14.70
CB MSE A 190 6.38 -10.07 14.12
CG MSE A 190 7.49 -9.05 14.18
SE MSE A 190 8.75 -9.44 12.78
CE MSE A 190 9.02 -7.74 12.00
N VAL A 191 5.07 -7.97 16.41
CA VAL A 191 4.41 -6.69 16.66
C VAL A 191 5.51 -5.67 16.95
N ARG A 192 5.34 -4.43 16.51
CA ARG A 192 6.36 -3.43 16.79
C ARG A 192 6.05 -2.76 18.12
N GLN A 193 7.07 -2.52 18.93
CA GLN A 193 6.85 -1.87 20.21
C GLN A 193 6.99 -0.36 20.12
N SER A 194 6.63 0.32 21.21
CA SER A 194 6.68 1.78 21.29
C SER A 194 8.07 2.42 21.17
N ASP A 195 9.14 1.68 21.43
CA ASP A 195 10.47 2.27 21.29
C ASP A 195 11.07 1.94 19.93
N ASN A 196 10.21 1.47 19.04
CA ASN A 196 10.56 1.09 17.68
C ASN A 196 11.25 -0.27 17.54
N SER A 197 11.40 -0.99 18.64
CA SER A 197 11.97 -2.33 18.56
C SER A 197 10.75 -3.18 18.26
N PHE A 198 10.94 -4.49 18.09
CA PHE A 198 9.81 -5.37 17.84
C PHE A 198 9.72 -6.40 18.94
N VAL A 199 8.56 -7.03 19.07
CA VAL A 199 8.39 -8.10 20.02
C VAL A 199 7.97 -9.32 19.24
N LEU A 200 8.66 -10.42 19.49
CA LEU A 200 8.36 -11.68 18.84
C LEU A 200 7.59 -12.49 19.87
N LEU A 201 6.53 -13.13 19.41
CA LEU A 201 5.66 -13.91 20.29
C LEU A 201 5.61 -15.35 19.77
N ALA A 202 5.64 -16.30 20.69
CA ALA A 202 5.60 -17.72 20.35
C ALA A 202 4.65 -18.42 21.32
N THR A 203 3.74 -19.22 20.79
CA THR A 203 2.79 -19.94 21.63
C THR A 203 2.74 -21.39 21.19
N GLN A 204 2.66 -22.30 22.16
CA GLN A 204 2.68 -23.71 21.83
C GLN A 204 1.40 -24.47 22.08
N ARG A 205 1.11 -25.41 21.19
CA ARG A 205 -0.10 -26.22 21.32
C ARG A 205 -0.19 -26.75 22.75
N ASN A 206 -1.39 -26.71 23.30
CA ASN A 206 -1.61 -27.18 24.66
C ASN A 206 -3.06 -27.59 24.86
N LEU A 207 -3.26 -28.87 25.13
CA LEU A 207 -4.60 -29.40 25.32
C LEU A 207 -5.39 -28.70 26.43
N LEU A 208 -4.76 -28.51 27.58
CA LEU A 208 -5.45 -27.91 28.72
C LEU A 208 -6.01 -26.52 28.52
N THR A 209 -5.25 -25.63 27.88
CA THR A 209 -5.74 -24.27 27.67
C THR A 209 -6.43 -24.14 26.33
N LEU A 210 -6.60 -25.27 25.65
CA LEU A 210 -7.25 -25.32 24.34
C LEU A 210 -6.45 -24.48 23.34
N ASN A 211 -5.13 -24.52 23.47
CA ASN A 211 -4.26 -23.77 22.59
C ASN A 211 -3.95 -24.60 21.35
N ARG A 212 -4.45 -24.14 20.19
CA ARG A 212 -4.19 -24.81 18.93
C ARG A 212 -2.97 -24.18 18.25
N ALA A 213 -2.30 -23.30 18.97
CA ALA A 213 -1.14 -22.59 18.46
C ALA A 213 -1.53 -21.76 17.24
N SER A 214 -2.60 -20.99 17.39
CA SER A 214 -3.07 -20.12 16.31
C SER A 214 -2.75 -18.68 16.67
N ALA A 215 -1.56 -18.22 16.26
CA ALA A 215 -1.09 -16.87 16.54
C ALA A 215 -2.03 -15.79 16.02
N GLU A 216 -2.74 -16.11 14.95
CA GLU A 216 -3.67 -15.17 14.35
C GLU A 216 -4.70 -14.66 15.37
N GLU A 217 -4.78 -15.33 16.52
CA GLU A 217 -5.75 -14.93 17.54
C GLU A 217 -5.49 -13.56 18.14
N ILE A 218 -4.30 -13.00 17.93
CA ILE A 218 -4.02 -11.67 18.47
C ILE A 218 -4.44 -10.60 17.47
N GLN A 219 -4.98 -11.03 16.33
CA GLN A 219 -5.37 -10.10 15.29
C GLN A 219 -6.88 -9.82 15.27
N ASP A 220 -7.24 -8.66 14.74
CA ASP A 220 -8.65 -8.26 14.60
C ASP A 220 -8.81 -7.83 13.15
N HIS A 221 -9.28 -8.75 12.31
CA HIS A 221 -9.40 -8.44 10.89
C HIS A 221 -10.45 -7.40 10.56
N GLN A 222 -11.18 -6.92 11.57
CA GLN A 222 -12.16 -5.87 11.34
C GLN A 222 -11.55 -4.50 11.67
N CYS A 223 -10.27 -4.53 12.02
CA CYS A 223 -9.49 -3.32 12.33
C CYS A 223 -10.13 -2.24 13.17
N GLU A 224 -10.61 -2.58 14.35
CA GLU A 224 -11.22 -1.58 15.22
C GLU A 224 -10.15 -0.67 15.83
N ILE A 225 -8.88 -1.04 15.71
CA ILE A 225 -7.84 -0.19 16.30
C ILE A 225 -7.67 1.09 15.49
N LEU A 226 -8.10 1.04 14.24
CA LEU A 226 -8.00 2.20 13.37
C LEU A 226 -9.26 3.06 13.54
N SER B 7 -14.13 30.86 -8.62
CA SER B 7 -12.85 30.09 -8.60
C SER B 7 -12.64 29.42 -7.24
N ASP B 8 -13.54 29.69 -6.29
CA ASP B 8 -13.46 29.11 -4.95
C ASP B 8 -14.59 28.15 -4.62
N THR B 9 -15.38 27.73 -5.60
CA THR B 9 -16.51 26.83 -5.32
C THR B 9 -16.10 25.45 -4.81
N LEU B 10 -15.03 24.88 -5.34
CA LEU B 10 -14.58 23.57 -4.85
C LEU B 10 -14.04 23.69 -3.42
N ARG B 11 -13.29 24.76 -3.18
CA ARG B 11 -12.77 25.01 -1.85
C ARG B 11 -13.92 25.04 -0.84
N LYS B 12 -14.92 25.83 -1.16
CA LYS B 12 -16.08 25.99 -0.31
C LYS B 12 -16.82 24.69 -0.04
N ILE B 13 -16.87 23.81 -1.04
CA ILE B 13 -17.54 22.54 -0.86
C ILE B 13 -16.80 21.72 0.20
N VAL B 14 -15.48 21.75 0.14
CA VAL B 14 -14.67 20.98 1.07
C VAL B 14 -14.69 21.51 2.50
N LEU B 15 -14.43 22.79 2.67
CA LEU B 15 -14.34 23.38 4.00
C LEU B 15 -15.67 23.75 4.65
N GLU B 16 -16.72 23.93 3.86
CA GLU B 16 -17.99 24.33 4.46
C GLU B 16 -19.09 23.28 4.40
N GLU B 17 -18.86 22.22 3.64
CA GLU B 17 -19.85 21.15 3.52
C GLU B 17 -19.35 19.78 3.98
N CYS B 18 -18.28 19.29 3.35
CA CYS B 18 -17.70 17.99 3.66
C CYS B 18 -17.00 17.91 5.02
N LEU B 19 -16.09 18.84 5.30
CA LEU B 19 -15.37 18.81 6.57
C LEU B 19 -16.30 18.96 7.78
N PRO B 20 -17.15 19.99 7.79
CA PRO B 20 -18.06 20.16 8.93
C PRO B 20 -18.98 18.95 9.14
N ASN B 21 -19.49 18.38 8.05
CA ASN B 21 -20.37 17.22 8.14
C ASN B 21 -19.64 15.99 8.70
N GLN B 22 -18.39 15.82 8.28
CA GLN B 22 -17.60 14.70 8.76
C GLN B 22 -17.29 14.92 10.23
N GLN B 23 -16.84 16.12 10.55
CA GLN B 23 -16.49 16.47 11.92
C GLN B 23 -17.67 16.49 12.88
N GLN B 24 -18.72 17.21 12.51
CA GLN B 24 -19.89 17.35 13.37
C GLN B 24 -20.97 16.26 13.22
N ASN B 25 -20.76 15.29 12.32
CA ASN B 25 -21.74 14.22 12.09
C ASN B 25 -21.15 12.86 11.64
N GLN B 26 -19.85 12.79 11.42
CA GLN B 26 -19.21 11.55 10.97
C GLN B 26 -19.78 11.14 9.60
N ASN B 27 -20.27 12.13 8.86
CA ASN B 27 -20.86 11.92 7.54
C ASN B 27 -20.11 12.81 6.52
N PRO B 28 -19.46 12.18 5.52
CA PRO B 28 -18.70 12.90 4.49
C PRO B 28 -19.48 13.69 3.44
N SER B 29 -20.73 13.33 3.22
CA SER B 29 -21.55 14.00 2.19
C SER B 29 -21.39 15.52 2.22
N PRO B 30 -21.29 16.15 1.03
CA PRO B 30 -21.33 15.56 -0.32
C PRO B 30 -20.14 14.73 -0.78
N CYS B 31 -19.05 14.72 -0.02
CA CYS B 31 -17.88 13.97 -0.40
C CYS B 31 -18.12 12.50 -0.13
N ALA B 32 -17.42 11.64 -0.85
CA ALA B 32 -17.58 10.20 -0.63
C ALA B 32 -16.69 9.83 0.55
N GLU B 33 -15.62 10.61 0.74
CA GLU B 33 -14.66 10.34 1.78
C GLU B 33 -14.02 11.62 2.32
N VAL B 34 -13.94 11.74 3.64
CA VAL B 34 -13.33 12.91 4.28
C VAL B 34 -12.41 12.42 5.39
N LYS B 35 -11.10 12.56 5.18
CA LYS B 35 -10.12 12.10 6.16
C LYS B 35 -9.15 13.24 6.55
N PRO B 36 -9.57 14.12 7.46
CA PRO B 36 -8.70 15.23 7.87
C PRO B 36 -7.36 14.83 8.46
N ASN B 37 -7.29 13.65 9.05
CA ASN B 37 -6.04 13.18 9.64
C ASN B 37 -5.00 12.90 8.56
N ALA B 38 -5.44 12.24 7.49
CA ALA B 38 -4.57 11.93 6.37
C ALA B 38 -4.44 13.18 5.49
N GLY B 39 -5.39 14.09 5.65
CA GLY B 39 -5.36 15.34 4.90
C GLY B 39 -6.04 15.42 3.55
N TYR B 40 -7.04 14.59 3.28
CA TYR B 40 -7.70 14.64 1.97
C TYR B 40 -9.19 14.33 1.98
N VAL B 41 -9.83 14.68 0.86
CA VAL B 41 -11.25 14.40 0.64
C VAL B 41 -11.39 13.87 -0.79
N VAL B 42 -12.46 13.13 -1.03
CA VAL B 42 -12.75 12.57 -2.33
C VAL B 42 -14.14 13.06 -2.68
N LEU B 43 -14.28 13.67 -3.85
CA LEU B 43 -15.56 14.22 -4.27
C LEU B 43 -15.90 13.84 -5.71
N LYS B 44 -17.13 13.37 -5.93
CA LYS B 44 -17.54 13.02 -7.28
C LYS B 44 -17.59 14.27 -8.16
N ASP B 45 -17.06 14.16 -9.37
CA ASP B 45 -17.05 15.29 -10.29
C ASP B 45 -18.38 15.24 -11.05
N LEU B 46 -18.84 16.39 -11.50
CA LEU B 46 -20.09 16.43 -12.27
C LEU B 46 -19.83 16.13 -13.73
N ASN B 47 -18.56 16.17 -14.13
CA ASN B 47 -18.18 15.91 -15.50
C ASN B 47 -17.65 14.49 -15.68
N GLY B 48 -18.46 13.62 -16.28
CA GLY B 48 -18.03 12.25 -16.50
C GLY B 48 -18.69 11.31 -15.51
N PRO B 49 -19.19 10.17 -15.97
CA PRO B 49 -19.85 9.19 -15.11
C PRO B 49 -18.97 8.57 -14.03
N LEU B 50 -17.66 8.57 -14.23
CA LEU B 50 -16.79 7.93 -13.24
C LEU B 50 -15.78 8.86 -12.61
N GLN B 51 -15.68 10.12 -13.07
CA GLN B 51 -14.66 11.02 -12.52
C GLN B 51 -14.83 11.53 -11.10
N TYR B 52 -13.75 11.43 -10.33
CA TYR B 52 -13.72 11.91 -8.96
C TYR B 52 -12.55 12.87 -8.80
N LEU B 53 -12.59 13.67 -7.75
CA LEU B 53 -11.52 14.62 -7.46
C LEU B 53 -10.95 14.36 -6.06
N LEU B 54 -9.63 14.38 -5.93
CA LEU B 54 -9.01 14.21 -4.62
C LEU B 54 -8.40 15.58 -4.30
N MSE B 55 -8.77 16.12 -3.15
CA MSE B 55 -8.31 17.45 -2.74
C MSE B 55 -7.93 17.45 -1.26
O MSE B 55 -8.36 16.58 -0.50
CB MSE B 55 -9.43 18.47 -2.95
CG MSE B 55 -10.04 18.43 -4.34
SE MSE B 55 -11.59 19.53 -4.52
CE MSE B 55 -12.81 18.45 -3.54
N PRO B 56 -7.13 18.44 -0.85
CA PRO B 56 -6.72 18.52 0.54
C PRO B 56 -7.81 19.09 1.42
N THR B 57 -7.73 18.77 2.71
CA THR B 57 -8.69 19.24 3.69
C THR B 57 -8.24 20.57 4.29
N TYR B 58 -7.34 21.26 3.59
CA TYR B 58 -6.84 22.55 4.03
C TYR B 58 -6.34 23.31 2.82
N ARG B 59 -5.94 24.56 3.00
CA ARG B 59 -5.53 25.39 1.87
C ARG B 59 -4.23 25.13 1.10
N ILE B 60 -4.41 24.69 -0.15
CA ILE B 60 -3.33 24.45 -1.10
C ILE B 60 -3.96 24.87 -2.42
N ASN B 61 -3.41 25.88 -3.08
CA ASN B 61 -4.01 26.39 -4.32
C ASN B 61 -3.82 25.57 -5.57
N GLY B 62 -2.70 24.86 -5.67
CA GLY B 62 -2.47 24.07 -6.86
C GLY B 62 -1.01 23.70 -6.96
N THR B 63 -0.53 23.39 -8.16
CA THR B 63 0.85 22.99 -8.37
C THR B 63 1.89 24.05 -8.01
N GLU B 64 1.47 25.31 -7.96
CA GLU B 64 2.39 26.39 -7.64
C GLU B 64 2.64 26.54 -6.14
N SER B 65 2.04 25.69 -5.33
CA SER B 65 2.22 25.80 -3.89
C SER B 65 3.56 25.28 -3.39
N PRO B 66 4.33 26.15 -2.72
CA PRO B 66 5.63 25.68 -2.22
C PRO B 66 5.50 24.53 -1.21
N LEU B 67 4.28 24.27 -0.75
CA LEU B 67 4.01 23.20 0.20
C LEU B 67 4.23 21.84 -0.44
N LEU B 68 4.06 21.79 -1.76
CA LEU B 68 4.21 20.52 -2.46
C LEU B 68 5.64 19.99 -2.48
N THR B 69 6.61 20.84 -2.20
CA THR B 69 8.00 20.38 -2.21
C THR B 69 8.52 20.05 -0.81
N ASP B 70 7.62 20.01 0.16
CA ASP B 70 7.95 19.71 1.55
C ASP B 70 7.58 18.25 1.83
N PRO B 71 8.53 17.48 2.37
CA PRO B 71 8.34 16.06 2.69
C PRO B 71 7.14 15.73 3.59
N SER B 72 6.76 16.66 4.46
CA SER B 72 5.66 16.42 5.39
C SER B 72 4.28 16.63 4.77
N THR B 73 4.24 17.16 3.55
CA THR B 73 2.96 17.37 2.88
C THR B 73 2.49 16.00 2.38
N PRO B 74 1.19 15.71 2.55
CA PRO B 74 0.64 14.42 2.11
C PRO B 74 0.94 14.15 0.64
N ASN B 75 1.11 12.87 0.31
CA ASN B 75 1.37 12.46 -1.07
C ASN B 75 0.02 12.28 -1.75
N PHE B 76 -0.53 13.37 -2.27
CA PHE B 76 -1.84 13.35 -2.92
C PHE B 76 -1.97 12.44 -4.12
N PHE B 77 -0.89 12.29 -4.89
CA PHE B 77 -0.97 11.40 -6.05
C PHE B 77 -1.11 9.96 -5.56
N TRP B 78 -0.36 9.61 -4.52
CA TRP B 78 -0.48 8.25 -3.98
C TRP B 78 -1.88 8.03 -3.41
N LEU B 79 -2.36 9.02 -2.68
CA LEU B 79 -3.69 8.93 -2.08
C LEU B 79 -4.73 8.84 -3.18
N ALA B 80 -4.55 9.62 -4.23
CA ALA B 80 -5.49 9.63 -5.34
C ALA B 80 -5.51 8.27 -6.04
N TRP B 81 -4.37 7.61 -6.11
CA TRP B 81 -4.34 6.30 -6.74
C TRP B 81 -5.13 5.29 -5.90
N GLN B 82 -4.96 5.34 -4.57
CA GLN B 82 -5.69 4.41 -3.71
C GLN B 82 -7.19 4.70 -3.77
N ALA B 83 -7.53 5.93 -4.12
CA ALA B 83 -8.93 6.32 -4.21
C ALA B 83 -9.57 5.94 -5.54
N ARG B 84 -8.84 5.29 -6.44
CA ARG B 84 -9.44 4.90 -7.73
C ARG B 84 -10.57 3.91 -7.56
N ASP B 85 -10.67 3.29 -6.39
CA ASP B 85 -11.72 2.32 -6.12
C ASP B 85 -13.09 3.01 -6.25
N PHE B 86 -13.15 4.32 -5.99
CA PHE B 86 -14.41 5.06 -6.09
C PHE B 86 -14.93 5.07 -7.52
N MSE B 87 -14.01 4.91 -8.46
CA MSE B 87 -14.32 4.85 -9.90
C MSE B 87 -15.12 3.58 -10.12
O MSE B 87 -16.14 3.57 -10.82
CB MSE B 87 -12.99 4.80 -10.64
CG MSE B 87 -12.89 5.40 -12.02
SE MSE B 87 -11.05 6.12 -12.26
CE MSE B 87 -11.51 7.82 -11.66
N SER B 88 -14.65 2.50 -9.50
CA SER B 88 -15.29 1.18 -9.58
C SER B 88 -16.64 1.21 -8.89
N LYS B 89 -16.74 1.95 -7.79
CA LYS B 89 -18.02 2.02 -7.11
C LYS B 89 -19.09 2.52 -8.07
N LYS B 90 -18.76 3.59 -8.78
CA LYS B 90 -19.67 4.19 -9.75
C LYS B 90 -19.91 3.28 -10.96
N TYR B 91 -18.85 2.61 -11.39
CA TYR B 91 -18.96 1.75 -12.55
C TYR B 91 -19.86 0.55 -12.24
N GLY B 92 -19.84 0.11 -10.98
CA GLY B 92 -20.65 -1.03 -10.57
C GLY B 92 -19.85 -2.31 -10.54
N GLN B 93 -18.62 -2.22 -11.06
CA GLN B 93 -17.71 -3.35 -11.14
C GLN B 93 -16.26 -2.87 -11.00
N PRO B 94 -15.29 -3.79 -11.06
CA PRO B 94 -13.90 -3.31 -10.93
C PRO B 94 -13.36 -2.68 -12.21
N VAL B 95 -13.00 -1.40 -12.14
CA VAL B 95 -12.42 -0.69 -13.28
C VAL B 95 -10.97 -1.13 -13.29
N PRO B 96 -10.51 -1.74 -14.40
CA PRO B 96 -9.12 -2.19 -14.48
C PRO B 96 -8.12 -1.07 -14.26
N ASP B 97 -7.04 -1.37 -13.57
CA ASP B 97 -6.02 -0.39 -13.29
C ASP B 97 -5.52 0.33 -14.55
N ARG B 98 -5.41 -0.39 -15.67
CA ARG B 98 -4.90 0.20 -16.90
C ARG B 98 -5.80 1.32 -17.43
N ALA B 99 -7.06 1.37 -16.99
CA ALA B 99 -7.96 2.41 -17.47
C ALA B 99 -7.92 3.67 -16.63
N VAL B 100 -7.27 3.60 -15.47
CA VAL B 100 -7.19 4.74 -14.55
C VAL B 100 -6.06 5.72 -14.85
N SER B 101 -6.32 7.01 -14.64
CA SER B 101 -5.32 8.05 -14.83
C SER B 101 -5.55 9.15 -13.79
N LEU B 102 -4.46 9.76 -13.32
CA LEU B 102 -4.51 10.82 -12.32
C LEU B 102 -3.88 12.04 -12.99
N ALA B 103 -4.53 13.19 -12.88
CA ALA B 103 -3.96 14.37 -13.51
C ALA B 103 -4.25 15.65 -12.74
N ILE B 104 -3.30 16.56 -12.77
CA ILE B 104 -3.48 17.85 -12.12
C ILE B 104 -3.02 18.91 -13.12
N ASN B 105 -3.82 19.96 -13.23
CA ASN B 105 -3.55 21.04 -14.17
C ASN B 105 -2.84 22.24 -13.53
N SER B 106 -2.09 22.96 -14.36
CA SER B 106 -1.36 24.16 -13.93
C SER B 106 -2.37 25.27 -13.72
N ARG B 107 -1.91 26.46 -13.31
CA ARG B 107 -2.77 27.61 -13.06
C ARG B 107 -3.55 28.07 -14.30
N THR B 108 -2.92 28.02 -15.47
CA THR B 108 -3.59 28.44 -16.71
C THR B 108 -4.36 27.27 -17.33
N GLY B 109 -4.41 26.15 -16.61
CA GLY B 109 -5.12 24.99 -17.09
C GLY B 109 -6.29 24.65 -16.18
N ARG B 110 -6.61 25.54 -15.25
CA ARG B 110 -7.71 25.30 -14.33
C ARG B 110 -8.55 26.56 -14.14
N THR B 111 -9.70 26.38 -13.48
CA THR B 111 -10.64 27.44 -13.15
C THR B 111 -10.76 27.57 -11.65
N GLN B 112 -10.63 26.45 -10.96
CA GLN B 112 -10.71 26.39 -9.51
C GLN B 112 -9.35 26.49 -8.88
N ASN B 113 -9.24 27.32 -7.84
CA ASN B 113 -7.96 27.49 -7.19
C ASN B 113 -7.73 26.70 -5.89
N HIS B 114 -8.28 25.49 -5.83
CA HIS B 114 -8.06 24.61 -4.70
C HIS B 114 -7.48 23.34 -5.31
N PHE B 115 -6.28 22.98 -4.88
CA PHE B 115 -5.59 21.78 -5.38
C PHE B 115 -6.54 20.62 -5.62
N HIS B 116 -6.52 20.07 -6.83
CA HIS B 116 -7.34 18.91 -7.12
C HIS B 116 -6.74 18.05 -8.20
N ILE B 117 -6.73 16.75 -7.92
CA ILE B 117 -6.23 15.76 -8.87
C ILE B 117 -7.45 15.08 -9.45
N HIS B 118 -7.52 15.06 -10.79
CA HIS B 118 -8.62 14.44 -11.51
C HIS B 118 -8.36 12.94 -11.58
N ILE B 119 -9.28 12.16 -11.04
CA ILE B 119 -9.16 10.71 -11.10
C ILE B 119 -10.24 10.32 -12.12
N SER B 120 -9.82 9.81 -13.28
CA SER B 120 -10.77 9.45 -14.32
C SER B 120 -10.15 8.48 -15.32
N CYS B 121 -10.86 8.21 -16.42
CA CYS B 121 -10.32 7.31 -17.43
C CYS B 121 -9.32 7.94 -18.38
N ILE B 122 -8.37 7.12 -18.79
CA ILE B 122 -7.32 7.53 -19.71
C ILE B 122 -7.86 7.45 -21.15
N ARG B 123 -7.32 8.29 -22.03
CA ARG B 123 -7.74 8.28 -23.44
C ARG B 123 -7.13 7.05 -24.08
N PRO B 124 -7.90 6.38 -24.95
CA PRO B 124 -7.39 5.19 -25.64
C PRO B 124 -6.07 5.45 -26.37
N ASP B 125 -5.98 6.57 -27.09
CA ASP B 125 -4.74 6.82 -27.82
C ASP B 125 -3.55 7.01 -26.88
N VAL B 126 -3.76 7.69 -25.76
CA VAL B 126 -2.68 7.87 -24.78
C VAL B 126 -2.31 6.52 -24.17
N ARG B 127 -3.30 5.70 -23.88
CA ARG B 127 -3.05 4.39 -23.30
C ARG B 127 -2.08 3.63 -24.21
N GLU B 128 -2.37 3.63 -25.51
CA GLU B 128 -1.54 2.93 -26.48
C GLU B 128 -0.15 3.53 -26.64
N GLN B 129 -0.08 4.85 -26.67
CA GLN B 129 1.21 5.53 -26.82
C GLN B 129 2.09 5.19 -25.63
N LEU B 130 1.51 5.18 -24.42
CA LEU B 130 2.30 4.84 -23.25
C LEU B 130 2.72 3.38 -23.31
N ASP B 131 1.81 2.49 -23.72
CA ASP B 131 2.14 1.06 -23.83
C ASP B 131 3.31 0.81 -24.79
N ASN B 132 3.20 1.34 -26.01
CA ASN B 132 4.22 1.17 -27.02
C ASN B 132 5.52 1.85 -26.62
N ASN B 133 5.50 2.60 -25.53
CA ASN B 133 6.70 3.30 -25.13
C ASN B 133 7.27 2.76 -23.83
N LEU B 134 6.73 1.63 -23.37
CA LEU B 134 7.17 1.01 -22.13
C LEU B 134 8.68 0.74 -22.11
N ALA B 135 9.25 0.38 -23.25
CA ALA B 135 10.67 0.08 -23.29
C ALA B 135 11.56 1.29 -23.49
N ASN B 136 10.94 2.47 -23.58
CA ASN B 136 11.69 3.70 -23.75
C ASN B 136 11.72 4.57 -22.50
N ILE B 137 10.72 4.41 -21.64
CA ILE B 137 10.63 5.21 -20.42
C ILE B 137 11.59 4.72 -19.33
N SER B 138 12.51 5.58 -18.92
CA SER B 138 13.48 5.22 -17.89
C SER B 138 13.14 5.83 -16.53
N SER B 139 14.05 5.67 -15.57
CA SER B 139 13.86 6.19 -14.24
C SER B 139 14.32 7.64 -14.17
N ARG B 140 14.75 8.17 -15.31
CA ARG B 140 15.18 9.56 -15.44
C ARG B 140 14.25 10.29 -16.41
N TRP B 141 13.81 11.47 -16.02
CA TRP B 141 12.90 12.27 -16.85
C TRP B 141 13.47 12.47 -18.25
N LEU B 142 12.73 12.00 -19.25
CA LEU B 142 13.13 12.13 -20.64
C LEU B 142 11.89 12.46 -21.47
N PRO B 143 12.06 13.19 -22.58
CA PRO B 143 10.86 13.49 -23.38
C PRO B 143 10.21 12.19 -23.84
N LEU B 144 8.89 12.10 -23.70
CA LEU B 144 8.17 10.92 -24.15
C LEU B 144 8.19 10.96 -25.67
N PRO B 145 8.69 9.89 -26.32
CA PRO B 145 8.73 9.88 -27.78
C PRO B 145 7.34 10.08 -28.40
N GLY B 146 7.23 11.05 -29.29
CA GLY B 146 5.96 11.32 -29.94
C GLY B 146 5.07 12.26 -29.15
N GLY B 147 5.41 12.49 -27.90
CA GLY B 147 4.61 13.37 -27.06
C GLY B 147 3.21 12.83 -26.85
N LEU B 148 2.31 13.71 -26.41
CA LEU B 148 0.91 13.36 -26.17
C LEU B 148 0.06 14.57 -26.51
N ARG B 149 -1.06 14.34 -27.19
CA ARG B 149 -1.98 15.42 -27.57
C ARG B 149 -1.29 16.59 -28.26
N GLY B 150 -0.21 16.29 -28.99
CA GLY B 150 0.51 17.34 -29.69
C GLY B 150 1.36 18.23 -28.80
N HIS B 151 1.65 17.78 -27.58
CA HIS B 151 2.47 18.56 -26.66
C HIS B 151 3.66 17.72 -26.16
N GLU B 152 4.67 18.41 -25.65
CA GLU B 152 5.85 17.75 -25.13
C GLU B 152 5.61 17.36 -23.68
N TYR B 153 5.86 16.10 -23.37
CA TYR B 153 5.71 15.57 -22.02
C TYR B 153 6.98 14.88 -21.59
N LEU B 154 7.41 15.14 -20.36
CA LEU B 154 8.57 14.46 -19.81
C LEU B 154 7.98 13.23 -19.14
N ALA B 155 8.69 12.11 -19.19
CA ALA B 155 8.21 10.88 -18.59
C ALA B 155 9.26 10.22 -17.72
N ARG B 156 8.83 9.69 -16.58
CA ARG B 156 9.72 9.01 -15.65
C ARG B 156 9.06 7.77 -15.09
N ARG B 157 9.81 6.68 -15.06
CA ARG B 157 9.33 5.42 -14.53
C ARG B 157 9.35 5.61 -13.01
N VAL B 158 8.33 5.11 -12.33
CA VAL B 158 8.22 5.25 -10.89
C VAL B 158 7.73 3.94 -10.30
N THR B 159 8.50 3.37 -9.38
CA THR B 159 8.11 2.13 -8.73
C THR B 159 7.27 2.55 -7.52
N GLU B 160 6.50 1.62 -6.97
CA GLU B 160 5.69 1.97 -5.82
C GLU B 160 6.55 2.41 -4.64
N SER B 161 7.72 1.80 -4.50
CA SER B 161 8.61 2.15 -3.40
C SER B 161 9.14 3.57 -3.52
N GLU B 162 9.29 4.05 -4.75
CA GLU B 162 9.77 5.41 -4.97
C GLU B 162 8.64 6.39 -4.63
N LEU B 163 7.43 6.07 -5.08
CA LEU B 163 6.26 6.91 -4.85
C LEU B 163 6.01 7.11 -3.36
N VAL B 164 6.17 6.04 -2.59
CA VAL B 164 5.99 6.10 -1.14
C VAL B 164 6.99 7.08 -0.53
N GLN B 165 8.21 7.11 -1.07
CA GLN B 165 9.26 7.99 -0.56
C GLN B 165 9.18 9.46 -0.91
N ARG B 166 8.92 9.73 -2.19
CA ARG B 166 8.82 11.10 -2.70
C ARG B 166 7.61 11.25 -3.61
N SER B 167 6.93 12.39 -3.50
CA SER B 167 5.78 12.64 -4.33
C SER B 167 6.27 13.08 -5.70
N PRO B 168 5.41 12.99 -6.72
CA PRO B 168 5.80 13.40 -8.07
C PRO B 168 6.28 14.84 -8.09
N PHE B 169 5.73 15.68 -7.22
CA PHE B 169 6.11 17.09 -7.17
C PHE B 169 7.54 17.24 -6.70
N MSE B 170 7.93 16.43 -5.71
CA MSE B 170 9.29 16.48 -5.21
C MSE B 170 10.26 15.96 -6.27
O MSE B 170 11.34 16.50 -6.43
CB MSE B 170 9.42 15.66 -3.93
CG MSE B 170 8.54 16.17 -2.80
SE MSE B 170 8.90 15.36 -1.21
CE MSE B 170 7.57 14.19 -1.10
N MSE B 171 9.85 14.96 -7.02
CA MSE B 171 10.72 14.42 -8.07
C MSE B 171 10.95 15.44 -9.18
O MSE B 171 12.07 15.63 -9.65
CB MSE B 171 10.14 13.13 -8.65
CG MSE B 171 10.27 11.96 -7.72
SE MSE B 171 9.53 10.36 -8.46
CE MSE B 171 7.80 10.51 -7.67
N LEU B 172 9.87 16.12 -9.60
CA LEU B 172 9.95 17.13 -10.64
C LEU B 172 10.85 18.31 -10.23
N ALA B 173 10.54 18.93 -9.09
CA ALA B 173 11.31 20.06 -8.61
C ALA B 173 12.77 19.73 -8.36
N GLU B 174 13.06 18.48 -8.02
CA GLU B 174 14.44 18.08 -7.73
C GLU B 174 15.27 17.47 -8.86
N GLU B 175 14.63 17.04 -9.93
CA GLU B 175 15.37 16.40 -11.01
C GLU B 175 15.30 17.07 -12.37
N VAL B 176 14.37 17.99 -12.57
CA VAL B 176 14.32 18.65 -13.85
C VAL B 176 14.69 20.12 -13.67
N PRO B 177 15.68 20.59 -14.42
CA PRO B 177 16.13 21.98 -14.33
C PRO B 177 15.07 23.06 -14.46
N GLU B 178 15.19 24.08 -13.62
CA GLU B 178 14.27 25.23 -13.63
C GLU B 178 12.83 24.92 -13.18
N ALA B 179 12.47 23.65 -13.12
CA ALA B 179 11.12 23.30 -12.69
C ALA B 179 10.81 23.87 -11.30
N ARG B 180 11.81 23.81 -10.41
CA ARG B 180 11.62 24.27 -9.03
C ARG B 180 11.09 25.69 -8.90
N GLU B 181 11.62 26.60 -9.71
CA GLU B 181 11.19 28.00 -9.66
C GLU B 181 10.04 28.23 -10.64
N HIS B 182 9.53 27.16 -11.23
CA HIS B 182 8.46 27.26 -12.20
C HIS B 182 7.40 26.17 -12.03
N MSE B 183 7.15 25.77 -10.79
CA MSE B 183 6.17 24.72 -10.52
C MSE B 183 4.76 25.01 -11.02
O MSE B 183 4.05 24.11 -11.48
CB MSE B 183 6.14 24.42 -9.01
CG MSE B 183 7.43 23.82 -8.50
SE MSE B 183 7.82 22.12 -9.37
CE MSE B 183 6.71 21.01 -8.32
N GLY B 184 4.34 26.27 -10.93
CA GLY B 184 3.01 26.64 -11.39
C GLY B 184 2.81 26.52 -12.89
N SER B 185 3.90 26.39 -13.65
CA SER B 185 3.83 26.25 -15.11
C SER B 185 3.65 24.80 -15.53
N TYR B 186 3.72 23.89 -14.57
CA TYR B 186 3.61 22.46 -14.85
C TYR B 186 2.29 21.78 -14.58
N GLY B 187 2.04 20.73 -15.37
CA GLY B 187 0.87 19.91 -15.22
C GLY B 187 1.46 18.52 -15.07
N LEU B 188 0.89 17.70 -14.19
CA LEU B 188 1.41 16.35 -13.98
C LEU B 188 0.32 15.31 -14.01
N ALA B 189 0.70 14.10 -14.44
CA ALA B 189 -0.22 12.98 -14.52
C ALA B 189 0.52 11.70 -14.19
N MSE B 190 -0.22 10.69 -13.75
CA MSE B 190 0.37 9.41 -13.42
C MSE B 190 -0.53 8.29 -13.97
O MSE B 190 -1.75 8.36 -13.86
CB MSE B 190 0.53 9.26 -11.91
CG MSE B 190 1.45 8.12 -11.49
SE MSE B 190 1.83 8.18 -9.59
CE MSE B 190 0.35 7.06 -9.00
N VAL B 191 0.09 7.28 -14.57
CA VAL B 191 -0.64 6.16 -15.16
C VAL B 191 0.09 4.87 -14.83
N ARG B 192 -0.67 3.78 -14.69
CA ARG B 192 -0.07 2.47 -14.39
C ARG B 192 0.42 1.82 -15.68
N GLN B 193 1.64 1.27 -15.65
CA GLN B 193 2.20 0.60 -16.82
C GLN B 193 2.00 -0.91 -16.68
N SER B 194 2.01 -1.60 -17.82
CA SER B 194 1.79 -3.05 -17.84
C SER B 194 2.82 -3.91 -17.12
N ASP B 195 3.94 -3.34 -16.70
CA ASP B 195 4.96 -4.12 -15.98
C ASP B 195 4.85 -3.88 -14.47
N ASN B 196 3.71 -3.36 -14.03
CA ASN B 196 3.46 -3.11 -12.61
C ASN B 196 4.21 -1.94 -11.98
N SER B 197 4.54 -0.96 -12.79
CA SER B 197 5.19 0.24 -12.30
C SER B 197 4.29 1.38 -12.75
N PHE B 198 4.68 2.61 -12.44
CA PHE B 198 3.91 3.76 -12.87
C PHE B 198 4.79 4.61 -13.76
N VAL B 199 4.13 5.42 -14.59
CA VAL B 199 4.84 6.37 -15.43
C VAL B 199 4.32 7.73 -14.98
N LEU B 200 5.24 8.64 -14.68
CA LEU B 200 4.90 9.99 -14.27
C LEU B 200 5.08 10.85 -15.50
N LEU B 201 4.12 11.73 -15.75
CA LEU B 201 4.16 12.59 -16.91
C LEU B 201 4.12 14.06 -16.50
N ALA B 202 4.99 14.86 -17.10
CA ALA B 202 5.03 16.28 -16.79
C ALA B 202 4.98 17.07 -18.09
N THR B 203 4.20 18.15 -18.10
CA THR B 203 4.11 18.98 -19.28
C THR B 203 4.12 20.43 -18.82
N GLN B 204 4.95 21.22 -19.47
CA GLN B 204 5.10 22.62 -19.14
C GLN B 204 4.41 23.57 -20.11
N ARG B 205 3.93 24.67 -19.56
CA ARG B 205 3.25 25.71 -20.33
C ARG B 205 4.12 26.00 -21.55
N ASN B 206 3.51 26.17 -22.72
CA ASN B 206 4.27 26.45 -23.94
C ASN B 206 3.41 27.21 -24.94
N LEU B 207 3.84 28.43 -25.25
CA LEU B 207 3.11 29.30 -26.17
C LEU B 207 3.01 28.77 -27.61
N LEU B 208 4.10 28.23 -28.14
CA LEU B 208 4.07 27.76 -29.53
C LEU B 208 3.07 26.65 -29.82
N THR B 209 2.86 25.75 -28.87
CA THR B 209 1.94 24.65 -29.09
C THR B 209 0.61 24.81 -28.39
N LEU B 210 0.29 26.04 -27.98
CA LEU B 210 -0.97 26.30 -27.29
C LEU B 210 -1.10 25.32 -26.13
N ASN B 211 -0.01 25.13 -25.39
CA ASN B 211 0.02 24.23 -24.25
C ASN B 211 -0.16 25.02 -22.96
N ARG B 212 -1.31 24.85 -22.32
CA ARG B 212 -1.58 25.55 -21.07
C ARG B 212 -1.23 24.64 -19.89
N ALA B 213 -0.51 23.58 -20.18
CA ALA B 213 -0.10 22.62 -19.16
C ALA B 213 -1.31 22.03 -18.44
N SER B 214 -2.24 21.48 -19.20
CA SER B 214 -3.42 20.87 -18.62
C SER B 214 -3.28 19.37 -18.85
N ALA B 215 -2.73 18.68 -17.86
CA ALA B 215 -2.49 17.24 -17.93
C ALA B 215 -3.79 16.45 -18.07
N GLU B 216 -4.90 17.08 -17.72
CA GLU B 216 -6.20 16.44 -17.84
C GLU B 216 -6.46 16.09 -19.29
N GLU B 217 -5.67 16.67 -20.19
CA GLU B 217 -5.84 16.41 -21.62
C GLU B 217 -5.55 14.96 -21.98
N ILE B 218 -4.90 14.19 -21.07
CA ILE B 218 -4.64 12.79 -21.39
C ILE B 218 -5.83 11.92 -20.96
N GLN B 219 -6.82 12.55 -20.35
CA GLN B 219 -7.99 11.82 -19.87
C GLN B 219 -9.20 11.97 -20.79
N ASP B 220 -10.09 10.97 -20.71
CA ASP B 220 -11.32 10.92 -21.48
C ASP B 220 -12.41 10.63 -20.46
N HIS B 221 -13.16 11.65 -20.07
CA HIS B 221 -14.18 11.45 -19.06
C HIS B 221 -15.37 10.64 -19.52
N GLN B 222 -15.39 10.28 -20.81
CA GLN B 222 -16.46 9.45 -21.34
C GLN B 222 -16.12 7.97 -21.13
N CYS B 223 -14.87 7.70 -20.75
CA CYS B 223 -14.39 6.36 -20.44
C CYS B 223 -14.63 5.36 -21.57
N GLU B 224 -14.33 5.77 -22.81
CA GLU B 224 -14.48 4.90 -23.98
C GLU B 224 -13.56 3.68 -23.87
N ILE B 225 -12.45 3.83 -23.16
CA ILE B 225 -11.49 2.74 -22.99
C ILE B 225 -12.17 1.52 -22.38
N LEU B 226 -13.28 1.73 -21.70
CA LEU B 226 -14.01 0.62 -21.10
C LEU B 226 -14.97 0.06 -22.16
#